data_2IWW
#
_entry.id   2IWW
#
_cell.length_a   70.380
_cell.length_b   71.140
_cell.length_c   191.610
_cell.angle_alpha   90.00
_cell.angle_beta   90.00
_cell.angle_gamma   90.00
#
_symmetry.space_group_name_H-M   'P 21 21 21'
#
loop_
_entity.id
_entity.type
_entity.pdbx_description
1 polymer 'OUTER MEMBRANE PROTEIN G'
2 non-polymer beta-D-glucopyranose
3 non-polymer 'LAURYL DIMETHYLAMINE-N-OXIDE'
4 non-polymer 'octyl beta-D-glucopyranoside'
5 water water
#
_entity_poly.entity_id   1
_entity_poly.type   'polypeptide(L)'
_entity_poly.pdbx_seq_one_letter_code
;MEERNDWHFNIGAMYEIENVEGYGEDMDGLAEPSVYFNAANGPWRIALAYYQEGPVDYSAGKRGTWFDRPELEVHYQFLE
NDDFSFGLTGGFRNYGYHYVDEPGKDTANMQRWKIAPDWDVKLTDDLRFNGWLSMYKFANDLNTTGYADTRVETETGLQY
TFNETVALRVNYYLERGFNMDDSRNNGEFSTQEIRAYLPLTLGNHSVTPYTRIGLDRWSNWDWQDDIEREGHDFNRVGLF
YGYDFQNGLSVSLEYAFEWQDHDEGDSDKFHYAGVGVNYSF
;
_entity_poly.pdbx_strand_id   A,B
#
# COMPACT_ATOMS: atom_id res chain seq x y z
N ASN A 5 2.58 -13.36 -43.17
CA ASN A 5 3.73 -13.64 -44.08
C ASN A 5 4.60 -14.72 -43.45
N ASP A 6 5.92 -14.60 -43.65
CA ASP A 6 6.91 -15.21 -42.77
C ASP A 6 6.79 -14.63 -41.35
N TRP A 7 7.22 -15.43 -40.38
CA TRP A 7 7.26 -15.02 -38.98
C TRP A 7 8.71 -14.77 -38.55
N HIS A 8 8.91 -13.68 -37.81
CA HIS A 8 10.21 -13.36 -37.21
C HIS A 8 10.17 -13.32 -35.69
N PHE A 9 11.23 -13.76 -35.03
CA PHE A 9 11.21 -13.76 -33.59
C PHE A 9 12.55 -13.32 -33.04
N ASN A 10 12.50 -12.68 -31.88
CA ASN A 10 13.70 -12.34 -31.12
C ASN A 10 13.53 -12.70 -29.69
N ILE A 11 14.65 -13.08 -29.08
CA ILE A 11 14.73 -13.16 -27.66
C ILE A 11 16.05 -12.58 -27.17
N GLY A 12 16.04 -11.97 -26.00
CA GLY A 12 17.24 -11.33 -25.52
C GLY A 12 17.23 -11.04 -24.06
N ALA A 13 18.42 -10.71 -23.60
CA ALA A 13 18.66 -10.44 -22.22
C ALA A 13 19.52 -9.19 -22.14
N MET A 14 19.15 -8.24 -21.31
CA MET A 14 19.99 -7.07 -21.07
C MET A 14 20.25 -6.91 -19.60
N TYR A 15 21.44 -6.50 -19.25
CA TYR A 15 21.80 -6.20 -17.86
C TYR A 15 22.41 -4.80 -17.79
N GLU A 16 21.75 -3.91 -17.07
CA GLU A 16 22.20 -2.52 -16.99
C GLU A 16 22.61 -2.18 -15.59
N ILE A 17 23.36 -1.10 -15.46
CA ILE A 17 23.83 -0.65 -14.16
C ILE A 17 23.77 0.87 -14.14
N GLU A 18 23.52 1.45 -12.97
CA GLU A 18 23.44 2.91 -12.83
C GLU A 18 24.09 3.23 -11.50
N ASN A 19 25.14 4.08 -11.51
CA ASN A 19 25.84 4.49 -10.30
C ASN A 19 25.76 5.98 -10.08
N VAL A 20 26.15 6.38 -8.87
CA VAL A 20 26.30 7.78 -8.50
C VAL A 20 27.66 7.95 -7.81
N GLU A 21 28.34 9.07 -8.07
CA GLU A 21 29.60 9.41 -7.38
C GLU A 21 29.19 10.08 -6.06
N GLY A 22 30.03 10.04 -5.01
CA GLY A 22 31.43 9.63 -5.07
C GLY A 22 31.74 8.22 -4.62
N TYR A 23 32.55 8.11 -3.57
CA TYR A 23 33.31 6.88 -3.27
C TYR A 23 32.67 5.75 -2.44
N GLY A 24 31.95 6.02 -1.35
CA GLY A 24 31.69 7.38 -0.85
C GLY A 24 31.28 7.46 0.61
N GLU A 25 30.05 7.09 0.96
CA GLU A 25 29.06 6.46 0.07
C GLU A 25 27.75 7.28 -0.12
N ASP A 26 27.47 7.66 -1.37
CA ASP A 26 26.08 7.88 -1.83
C ASP A 26 25.66 6.56 -2.49
N MET A 27 24.42 6.16 -2.25
CA MET A 27 24.10 4.77 -1.85
C MET A 27 23.27 3.93 -2.82
N ASP A 28 23.87 3.03 -3.64
CA ASP A 28 25.30 2.97 -4.06
C ASP A 28 25.40 2.32 -5.48
N GLY A 29 24.27 2.27 -6.20
CA GLY A 29 24.20 1.55 -7.44
C GLY A 29 22.88 0.79 -7.61
N LEU A 30 22.29 0.94 -8.79
CA LEU A 30 21.17 0.14 -9.19
C LEU A 30 21.66 -1.00 -10.06
N ALA A 31 20.84 -2.02 -10.20
CA ALA A 31 21.04 -3.11 -11.17
C ALA A 31 19.70 -3.46 -11.82
N GLU A 32 19.76 -3.60 -13.15
CA GLU A 32 18.59 -3.78 -13.94
C GLU A 32 18.73 -4.97 -14.92
N PRO A 33 18.49 -6.17 -14.42
CA PRO A 33 18.31 -7.36 -15.25
C PRO A 33 17.06 -7.24 -16.06
N SER A 34 17.02 -7.89 -17.21
CA SER A 34 15.79 -7.95 -18.01
C SER A 34 15.88 -8.96 -19.15
N VAL A 35 14.72 -9.42 -19.60
CA VAL A 35 14.65 -10.38 -20.68
C VAL A 35 13.48 -10.00 -21.59
N TYR A 36 13.58 -10.37 -22.87
CA TYR A 36 12.47 -10.09 -23.79
C TYR A 36 12.24 -11.20 -24.86
N PHE A 37 11.02 -11.24 -25.38
CA PHE A 37 10.70 -12.02 -26.55
C PHE A 37 9.82 -11.18 -27.41
N ASN A 38 9.94 -11.30 -28.73
CA ASN A 38 8.94 -10.69 -29.64
C ASN A 38 8.72 -11.57 -30.87
N ALA A 39 7.57 -11.33 -31.50
CA ALA A 39 7.19 -11.89 -32.79
C ALA A 39 6.33 -10.82 -33.51
N ALA A 40 6.44 -10.58 -34.83
CA ALA A 40 7.13 -11.40 -35.80
C ALA A 40 6.41 -11.66 -37.18
N ASN A 41 5.17 -11.20 -37.41
CA ASN A 41 4.45 -11.40 -38.71
C ASN A 41 3.81 -10.06 -38.95
N GLY A 42 4.15 -9.37 -40.03
CA GLY A 42 3.23 -8.92 -41.05
C GLY A 42 3.37 -7.48 -40.51
N PRO A 43 2.32 -6.66 -40.54
CA PRO A 43 2.36 -5.42 -39.74
C PRO A 43 2.18 -5.62 -38.20
N TRP A 44 2.18 -6.88 -37.72
CA TRP A 44 1.92 -7.18 -36.30
C TRP A 44 3.18 -7.57 -35.49
N ARG A 45 3.46 -6.79 -34.45
CA ARG A 45 4.54 -7.13 -33.52
C ARG A 45 3.94 -7.39 -32.14
N ILE A 46 4.31 -8.52 -31.56
CA ILE A 46 3.94 -8.88 -30.23
C ILE A 46 5.21 -8.83 -29.46
N ALA A 47 5.19 -8.16 -28.31
CA ALA A 47 6.38 -8.09 -27.48
C ALA A 47 6.06 -8.42 -26.02
N LEU A 48 6.93 -9.20 -25.37
CA LEU A 48 6.93 -9.16 -23.93
C LEU A 48 8.26 -9.15 -23.26
N ALA A 49 8.26 -8.46 -22.12
CA ALA A 49 9.47 -8.07 -21.43
C ALA A 49 9.27 -8.27 -19.95
N TYR A 50 10.37 -8.59 -19.30
CA TYR A 50 10.42 -8.62 -17.89
C TYR A 50 11.63 -7.86 -17.44
N TYR A 51 11.43 -6.91 -16.55
CA TYR A 51 12.48 -6.02 -16.11
C TYR A 51 12.46 -5.97 -14.58
N GLN A 52 13.56 -5.59 -13.98
CA GLN A 52 13.61 -5.54 -12.54
C GLN A 52 14.70 -4.63 -12.15
N GLU A 53 14.43 -3.85 -11.11
CA GLU A 53 15.32 -2.79 -10.67
C GLU A 53 15.47 -2.80 -9.16
N GLY A 54 16.70 -2.72 -8.68
CA GLY A 54 16.97 -2.78 -7.27
C GLY A 54 18.42 -2.43 -7.02
N PRO A 55 18.80 -2.30 -5.76
CA PRO A 55 20.20 -2.02 -5.46
C PRO A 55 21.16 -3.08 -5.92
N VAL A 56 22.45 -2.73 -5.96
CA VAL A 56 23.51 -3.60 -6.47
C VAL A 56 23.53 -4.89 -5.66
N ASP A 57 23.43 -6.02 -6.37
CA ASP A 57 23.26 -7.35 -5.75
C ASP A 57 24.38 -7.68 -4.74
N TYR A 58 24.05 -8.63 -3.87
CA TYR A 58 24.59 -8.75 -2.50
C TYR A 58 23.47 -9.31 -1.61
N SER A 59 22.57 -10.07 -2.23
CA SER A 59 21.28 -10.35 -1.67
C SER A 59 21.38 -11.53 -0.71
N ALA A 60 21.10 -11.25 0.57
CA ALA A 60 20.90 -12.27 1.60
C ALA A 60 19.47 -12.88 1.72
N GLY A 61 18.39 -12.15 1.43
CA GLY A 61 18.36 -10.88 0.67
C GLY A 61 18.00 -9.59 1.41
N LYS A 62 19.02 -8.87 1.87
CA LYS A 62 18.85 -7.59 2.54
C LYS A 62 18.83 -6.47 1.49
N ARG A 63 17.73 -6.32 0.77
CA ARG A 63 17.77 -5.60 -0.54
C ARG A 63 17.62 -4.06 -0.55
N GLY A 64 16.41 -3.53 -0.34
CA GLY A 64 16.16 -2.11 -0.49
C GLY A 64 15.07 -2.00 -1.52
N THR A 65 14.17 -1.02 -1.43
CA THR A 65 13.04 -1.00 -2.34
C THR A 65 13.49 -1.41 -3.74
N TRP A 66 12.91 -2.46 -4.26
CA TRP A 66 13.18 -2.83 -5.63
C TRP A 66 11.84 -2.94 -6.30
N PHE A 67 11.83 -3.25 -7.59
CA PHE A 67 10.55 -3.48 -8.26
C PHE A 67 10.72 -4.30 -9.52
N ASP A 68 9.71 -5.12 -9.81
CA ASP A 68 9.68 -5.91 -11.01
C ASP A 68 8.61 -5.35 -11.92
N ARG A 69 8.60 -5.76 -13.18
CA ARG A 69 7.87 -5.03 -14.24
C ARG A 69 7.50 -5.83 -15.50
N PRO A 70 6.58 -6.79 -15.40
CA PRO A 70 6.17 -7.39 -16.66
C PRO A 70 5.77 -6.37 -17.68
N GLU A 71 6.03 -6.67 -18.94
CA GLU A 71 5.53 -5.82 -20.01
C GLU A 71 5.02 -6.69 -21.17
N LEU A 72 3.90 -6.26 -21.72
CA LEU A 72 3.41 -6.75 -22.97
C LEU A 72 3.06 -5.54 -23.85
N GLU A 73 3.36 -5.66 -25.14
CA GLU A 73 2.94 -4.68 -26.14
C GLU A 73 2.67 -5.33 -27.47
N VAL A 74 1.83 -4.66 -28.24
CA VAL A 74 1.63 -5.01 -29.61
C VAL A 74 1.75 -3.76 -30.43
N HIS A 75 2.43 -3.92 -31.55
CA HIS A 75 2.64 -2.85 -32.48
C HIS A 75 1.99 -3.21 -33.82
N TYR A 76 1.29 -2.24 -34.39
CA TYR A 76 0.72 -2.33 -35.73
C TYR A 76 1.43 -1.36 -36.66
N GLN A 77 2.03 -1.90 -37.72
CA GLN A 77 2.64 -1.04 -38.75
C GLN A 77 1.63 -0.72 -39.85
N PHE A 78 0.93 0.39 -39.71
CA PHE A 78 -0.01 0.86 -40.72
C PHE A 78 0.62 0.84 -42.10
N LEU A 79 1.25 1.95 -42.50
CA LEU A 79 1.99 2.02 -43.75
C LEU A 79 3.49 2.01 -43.51
N GLU A 80 4.23 1.13 -44.20
CA GLU A 80 5.68 1.28 -44.38
C GLU A 80 6.05 1.52 -45.86
N ASN A 81 6.91 2.50 -46.09
CA ASN A 81 7.44 2.83 -47.41
C ASN A 81 8.41 4.04 -47.32
N ASP A 82 9.46 3.99 -48.14
CA ASP A 82 10.52 5.02 -48.19
C ASP A 82 10.03 6.48 -48.08
N ASP A 83 8.79 6.76 -48.47
CA ASP A 83 8.26 8.13 -48.37
C ASP A 83 7.81 8.43 -46.95
N PHE A 84 6.74 7.78 -46.50
CA PHE A 84 6.12 8.10 -45.22
C PHE A 84 5.60 6.86 -44.45
N SER A 85 6.50 6.16 -43.76
CA SER A 85 6.13 5.08 -42.80
C SER A 85 5.32 5.62 -41.60
N PHE A 86 4.35 4.83 -41.12
CA PHE A 86 3.53 5.21 -39.95
C PHE A 86 3.12 3.98 -39.15
N GLY A 87 3.09 4.11 -37.82
CA GLY A 87 3.01 2.94 -36.94
C GLY A 87 2.45 3.25 -35.56
N LEU A 88 2.09 2.20 -34.82
CA LEU A 88 1.33 2.38 -33.57
C LEU A 88 1.62 1.26 -32.58
N THR A 89 1.61 1.63 -31.29
CA THR A 89 1.80 0.67 -30.23
C THR A 89 0.86 0.96 -29.05
N GLY A 90 0.16 -0.08 -28.65
CA GLY A 90 -0.50 -0.11 -27.37
C GLY A 90 0.34 -0.96 -26.48
N GLY A 91 0.38 -0.58 -25.21
CA GLY A 91 1.26 -1.24 -24.25
C GLY A 91 0.54 -1.30 -22.94
N PHE A 92 0.86 -2.34 -22.20
CA PHE A 92 0.43 -2.50 -20.85
C PHE A 92 1.66 -2.85 -20.06
N ARG A 93 1.75 -2.35 -18.83
CA ARG A 93 2.93 -2.61 -18.01
C ARG A 93 2.53 -2.62 -16.56
N ASN A 94 3.22 -3.41 -15.72
CA ASN A 94 2.90 -3.46 -14.30
C ASN A 94 4.14 -3.23 -13.45
N TYR A 95 4.08 -2.20 -12.60
CA TYR A 95 5.17 -2.01 -11.67
C TYR A 95 4.80 -2.70 -10.38
N GLY A 96 5.66 -3.60 -9.94
CA GLY A 96 5.42 -4.37 -8.76
C GLY A 96 6.45 -3.97 -7.77
N TYR A 97 6.08 -3.01 -6.94
CA TYR A 97 7.01 -2.45 -5.98
C TYR A 97 7.05 -3.32 -4.76
N HIS A 98 8.24 -3.48 -4.22
CA HIS A 98 8.47 -4.09 -2.92
C HIS A 98 9.30 -3.11 -2.11
N TYR A 99 8.68 -2.37 -1.19
CA TYR A 99 9.41 -1.48 -0.28
C TYR A 99 10.13 -2.28 0.78
N VAL A 100 11.27 -1.83 1.27
CA VAL A 100 11.98 -2.62 2.29
C VAL A 100 12.14 -1.97 3.70
N ASP A 101 12.63 -0.73 3.78
CA ASP A 101 12.46 0.02 5.05
C ASP A 101 11.84 1.37 4.78
N GLU A 102 10.69 1.41 4.11
CA GLU A 102 10.02 2.68 3.89
C GLU A 102 8.77 2.68 4.77
N PRO A 103 8.88 3.25 5.97
CA PRO A 103 7.71 3.24 6.82
C PRO A 103 6.47 3.64 6.04
N GLY A 104 5.33 3.07 6.40
CA GLY A 104 4.07 3.39 5.73
C GLY A 104 3.93 2.67 4.42
N LYS A 105 4.89 1.81 4.07
CA LYS A 105 4.91 1.13 2.77
C LYS A 105 5.30 -0.35 2.84
N ASP A 106 4.54 -1.18 2.14
CA ASP A 106 4.87 -2.58 2.00
C ASP A 106 5.10 -3.03 0.53
N THR A 107 4.21 -2.61 -0.36
CA THR A 107 4.07 -3.27 -1.64
C THR A 107 3.12 -2.45 -2.48
N ALA A 108 3.38 -2.37 -3.78
CA ALA A 108 2.44 -1.68 -4.64
C ALA A 108 2.36 -2.35 -6.01
N ASN A 109 1.23 -2.11 -6.69
CA ASN A 109 1.07 -2.48 -8.06
C ASN A 109 0.41 -1.38 -8.84
N MET A 110 1.21 -0.64 -9.59
CA MET A 110 0.70 0.36 -10.48
C MET A 110 0.85 -0.12 -11.91
N GLN A 111 -0.19 0.08 -12.69
CA GLN A 111 -0.21 -0.24 -14.11
C GLN A 111 0.07 1.02 -14.88
N ARG A 112 0.65 0.83 -16.07
CA ARG A 112 0.80 1.88 -17.08
C ARG A 112 0.14 1.43 -18.38
N TRP A 113 -0.67 2.28 -18.98
CA TRP A 113 -1.22 2.00 -20.34
C TRP A 113 -0.56 2.96 -21.31
N LYS A 114 -0.25 2.48 -22.50
CA LYS A 114 0.59 3.22 -23.44
C LYS A 114 -0.07 3.31 -24.80
N ILE A 115 -0.11 4.51 -25.38
CA ILE A 115 -0.51 4.67 -26.78
C ILE A 115 0.49 5.55 -27.51
N ALA A 116 1.25 4.93 -28.40
CA ALA A 116 2.41 5.55 -29.02
C ALA A 116 2.37 5.45 -30.55
N PRO A 117 1.91 6.51 -31.22
CA PRO A 117 2.10 6.53 -32.67
C PRO A 117 3.57 6.72 -32.95
N ASP A 118 4.01 6.24 -34.11
CA ASP A 118 5.37 6.49 -34.54
C ASP A 118 5.41 6.79 -36.05
N TRP A 119 6.49 7.40 -36.54
CA TRP A 119 6.60 7.84 -37.94
C TRP A 119 8.02 7.92 -38.49
N ASP A 120 8.12 7.80 -39.82
CA ASP A 120 9.36 8.02 -40.58
C ASP A 120 9.06 8.68 -41.92
N VAL A 121 9.20 10.01 -42.00
CA VAL A 121 8.90 10.74 -43.24
C VAL A 121 10.16 11.16 -43.97
N LYS A 122 10.17 10.94 -45.29
CA LYS A 122 11.31 11.35 -46.12
C LYS A 122 11.16 12.83 -46.34
N LEU A 123 12.28 13.53 -46.30
CA LEU A 123 12.32 14.96 -46.62
C LEU A 123 13.15 15.17 -47.90
N THR A 124 14.35 14.61 -47.91
CA THR A 124 15.12 14.45 -49.15
C THR A 124 15.80 13.06 -49.21
N ASP A 125 16.71 12.87 -50.15
CA ASP A 125 17.42 11.60 -50.22
C ASP A 125 18.45 11.48 -49.11
N ASP A 126 18.60 12.56 -48.35
CA ASP A 126 19.54 12.59 -47.23
C ASP A 126 18.95 13.03 -45.86
N LEU A 127 17.75 13.58 -45.84
CA LEU A 127 17.14 14.02 -44.59
C LEU A 127 15.89 13.21 -44.36
N ARG A 128 15.71 12.73 -43.12
CA ARG A 128 14.43 12.19 -42.70
C ARG A 128 13.93 12.90 -41.44
N PHE A 129 12.62 12.88 -41.25
CA PHE A 129 11.99 13.41 -40.06
C PHE A 129 11.24 12.25 -39.46
N ASN A 130 11.93 11.52 -38.58
CA ASN A 130 11.35 10.38 -37.87
C ASN A 130 10.97 10.75 -36.42
N GLY A 131 10.10 9.95 -35.82
CA GLY A 131 9.81 10.13 -34.39
C GLY A 131 8.78 9.20 -33.78
N TRP A 132 8.68 9.24 -32.46
CA TRP A 132 7.59 8.59 -31.75
C TRP A 132 7.02 9.54 -30.71
N LEU A 133 5.71 9.63 -30.63
CA LEU A 133 5.02 10.26 -29.51
C LEU A 133 4.42 9.12 -28.69
N SER A 134 4.29 9.35 -27.39
CA SER A 134 3.87 8.30 -26.46
C SER A 134 3.02 8.88 -25.33
N MET A 135 1.75 8.46 -25.29
CA MET A 135 0.79 8.89 -24.25
C MET A 135 0.52 7.74 -23.26
N TYR A 136 0.69 8.01 -21.97
CA TYR A 136 0.43 7.03 -20.95
C TYR A 136 -0.67 7.42 -19.96
N LYS A 137 -1.36 6.39 -19.46
CA LYS A 137 -2.11 6.47 -18.21
C LYS A 137 -1.51 5.51 -17.22
N PHE A 138 -1.23 6.00 -16.00
CA PHE A 138 -0.83 5.15 -14.88
C PHE A 138 -2.04 5.00 -13.95
N ALA A 139 -2.20 3.84 -13.32
CA ALA A 139 -3.48 3.51 -12.70
C ALA A 139 -3.44 3.43 -11.20
N ASN A 140 -3.16 2.28 -10.62
CA ASN A 140 -3.41 2.12 -9.17
C ASN A 140 -2.23 2.53 -8.29
N ASP A 141 -2.48 2.63 -6.98
CA ASP A 141 -1.46 2.89 -5.95
C ASP A 141 -0.60 4.11 -6.21
N LEU A 142 -1.20 5.15 -6.78
CA LEU A 142 -0.43 6.35 -7.14
C LEU A 142 0.13 7.01 -5.92
N ASN A 143 -0.72 7.38 -4.97
CA ASN A 143 -0.19 7.96 -3.74
C ASN A 143 1.06 7.24 -3.19
N THR A 144 1.10 5.92 -3.34
CA THR A 144 2.13 5.12 -2.69
C THR A 144 3.36 5.20 -3.51
N THR A 145 3.13 5.37 -4.78
CA THR A 145 4.17 5.12 -5.72
C THR A 145 4.70 6.47 -6.26
N GLY A 146 3.88 7.52 -6.13
CA GLY A 146 4.30 8.86 -6.45
C GLY A 146 4.11 9.27 -7.90
N TYR A 147 3.68 8.34 -8.74
CA TYR A 147 3.55 8.67 -10.14
C TYR A 147 2.39 9.61 -10.21
N ALA A 148 2.13 10.10 -11.39
CA ALA A 148 1.15 11.10 -11.66
C ALA A 148 0.35 10.47 -12.75
N ASP A 149 -0.97 10.50 -12.69
CA ASP A 149 -1.75 9.52 -13.46
C ASP A 149 -1.48 9.53 -14.97
N THR A 150 -1.08 10.68 -15.52
CA THR A 150 -0.88 10.86 -16.95
C THR A 150 0.51 11.35 -17.29
N ARG A 151 0.96 11.06 -18.50
CA ARG A 151 2.33 11.38 -18.90
C ARG A 151 2.40 11.37 -20.40
N VAL A 152 3.02 12.41 -20.96
CA VAL A 152 3.32 12.44 -22.37
C VAL A 152 4.82 12.33 -22.55
N GLU A 153 5.22 11.67 -23.63
CA GLU A 153 6.62 11.54 -23.97
C GLU A 153 6.83 11.49 -25.49
N THR A 154 7.88 12.16 -25.94
CA THR A 154 8.17 12.13 -27.36
C THR A 154 9.63 12.39 -27.65
N GLU A 155 10.18 11.63 -28.58
CA GLU A 155 11.50 11.95 -29.11
C GLU A 155 11.26 12.05 -30.60
N THR A 156 11.51 13.21 -31.17
CA THR A 156 11.36 13.41 -32.58
C THR A 156 12.49 14.28 -33.07
N GLY A 157 12.82 14.17 -34.34
CA GLY A 157 13.79 15.10 -34.94
C GLY A 157 14.21 14.78 -36.35
N LEU A 158 15.44 15.19 -36.68
CA LEU A 158 15.98 15.04 -38.03
C LEU A 158 17.17 14.07 -38.13
N GLN A 159 17.16 13.28 -39.18
CA GLN A 159 18.31 12.48 -39.50
C GLN A 159 18.83 12.89 -40.86
N TYR A 160 20.17 13.07 -40.91
CA TYR A 160 20.91 13.38 -42.11
C TYR A 160 21.95 12.27 -42.36
N THR A 161 21.96 11.71 -43.57
CA THR A 161 22.86 10.57 -43.88
C THR A 161 24.05 10.94 -44.76
N PHE A 162 25.23 10.97 -44.16
CA PHE A 162 26.41 11.33 -44.90
C PHE A 162 26.67 10.31 -46.02
N ASN A 163 26.45 9.05 -45.67
CA ASN A 163 26.70 7.91 -46.53
C ASN A 163 26.48 6.66 -45.69
N GLU A 164 26.63 5.48 -46.29
CA GLU A 164 26.28 4.20 -45.61
C GLU A 164 27.05 3.94 -44.30
N THR A 165 28.15 4.65 -44.06
CA THR A 165 28.98 4.50 -42.86
C THR A 165 28.71 5.53 -41.77
N VAL A 166 28.25 6.73 -42.11
CA VAL A 166 28.05 7.78 -41.07
C VAL A 166 26.73 8.51 -41.20
N ALA A 167 26.05 8.70 -40.06
CA ALA A 167 24.78 9.46 -40.00
C ALA A 167 24.74 10.46 -38.83
N LEU A 168 23.80 11.42 -38.85
CA LEU A 168 23.60 12.35 -37.76
C LEU A 168 22.10 12.48 -37.42
N ARG A 169 21.81 12.24 -36.14
CA ARG A 169 20.44 12.33 -35.66
C ARG A 169 20.54 13.47 -34.66
N VAL A 170 19.71 14.50 -34.84
CA VAL A 170 19.49 15.46 -33.75
C VAL A 170 17.99 15.58 -33.48
N ASN A 171 17.67 15.36 -32.21
CA ASN A 171 16.31 15.22 -31.76
C ASN A 171 16.00 16.17 -30.64
N TYR A 172 14.72 16.52 -30.60
CA TYR A 172 14.06 17.08 -29.45
C TYR A 172 13.39 15.97 -28.63
N TYR A 173 13.79 15.84 -27.38
CA TYR A 173 13.15 14.94 -26.43
C TYR A 173 12.36 15.72 -25.39
N LEU A 174 11.10 15.33 -25.20
CA LEU A 174 10.18 15.93 -24.18
C LEU A 174 9.44 14.86 -23.35
N GLU A 175 9.39 15.05 -22.03
CA GLU A 175 8.69 14.14 -21.09
C GLU A 175 7.88 14.90 -19.99
N ARG A 176 6.56 14.94 -20.12
CA ARG A 176 5.69 15.61 -19.11
C ARG A 176 4.85 14.61 -18.33
N GLY A 177 5.15 14.47 -17.04
CA GLY A 177 4.20 13.86 -16.09
C GLY A 177 3.26 14.91 -15.51
N PHE A 178 1.97 14.67 -15.58
CA PHE A 178 0.96 15.53 -14.93
C PHE A 178 -0.28 14.76 -14.54
N ASN A 179 -1.02 15.30 -13.58
CA ASN A 179 -2.21 14.66 -13.09
C ASN A 179 -3.45 15.20 -13.78
N MET A 180 -4.26 14.30 -14.34
CA MET A 180 -5.55 14.65 -14.93
C MET A 180 -6.59 14.76 -13.83
N ASP A 181 -6.30 14.12 -12.70
CA ASP A 181 -7.22 14.04 -11.60
C ASP A 181 -6.90 15.11 -10.55
N ASP A 182 -7.42 16.31 -10.77
CA ASP A 182 -7.53 17.27 -9.69
C ASP A 182 -8.44 16.61 -8.62
N SER A 183 -8.08 16.66 -7.34
CA SER A 183 -6.77 17.12 -6.90
C SER A 183 -5.86 15.94 -6.60
N ARG A 184 -4.92 15.69 -7.51
CA ARG A 184 -3.69 14.99 -7.17
C ARG A 184 -2.52 15.79 -7.74
N ASN A 185 -1.36 15.66 -7.10
CA ASN A 185 -0.23 16.60 -7.23
C ASN A 185 1.12 15.90 -7.32
N ASN A 186 1.10 14.58 -7.21
CA ASN A 186 2.26 13.81 -6.79
C ASN A 186 3.51 13.95 -7.63
N GLY A 187 3.46 13.42 -8.85
CA GLY A 187 4.68 13.16 -9.59
C GLY A 187 4.82 14.06 -10.79
N GLU A 188 4.47 15.33 -10.62
CA GLU A 188 4.42 16.26 -11.75
C GLU A 188 5.82 16.73 -12.07
N PHE A 189 6.13 16.79 -13.35
CA PHE A 189 7.49 17.09 -13.82
C PHE A 189 7.50 17.35 -15.31
N SER A 190 8.57 18.00 -15.75
CA SER A 190 8.80 18.24 -17.16
C SER A 190 10.30 18.26 -17.49
N THR A 191 10.66 17.54 -18.56
CA THR A 191 12.03 17.40 -19.03
C THR A 191 12.05 17.79 -20.51
N GLN A 192 13.06 18.53 -20.90
CA GLN A 192 13.28 18.81 -22.29
C GLN A 192 14.75 18.71 -22.57
N GLU A 193 15.09 18.03 -23.65
CA GLU A 193 16.47 17.87 -24.02
C GLU A 193 16.60 17.99 -25.50
N ILE A 194 17.81 18.26 -25.92
CA ILE A 194 18.18 18.04 -27.30
C ILE A 194 19.02 16.77 -27.27
N ARG A 195 18.76 15.83 -28.17
CA ARG A 195 19.62 14.63 -28.20
C ARG A 195 20.25 14.51 -29.56
N ALA A 196 21.55 14.24 -29.57
CA ALA A 196 22.33 14.18 -30.81
C ALA A 196 23.17 12.89 -30.84
N TYR A 197 23.15 12.24 -32.00
CA TYR A 197 23.85 10.97 -32.16
C TYR A 197 24.52 10.98 -33.48
N LEU A 198 25.64 10.30 -33.52
CA LEU A 198 26.35 10.04 -34.75
C LEU A 198 26.53 8.49 -34.91
N PRO A 199 25.47 7.80 -35.38
CA PRO A 199 25.52 6.37 -35.67
C PRO A 199 26.55 6.00 -36.73
N LEU A 200 27.67 5.41 -36.30
CA LEU A 200 28.68 4.84 -37.20
C LEU A 200 28.35 3.37 -37.39
N THR A 201 28.48 2.92 -38.63
CA THR A 201 27.92 1.68 -39.10
C THR A 201 29.00 1.00 -39.98
N LEU A 202 29.93 0.27 -39.36
CA LEU A 202 31.16 -0.22 -40.01
C LEU A 202 31.14 -1.73 -40.23
N GLY A 203 30.34 -2.18 -41.18
CA GLY A 203 30.18 -3.61 -41.45
C GLY A 203 29.36 -4.24 -40.35
N ASN A 204 30.00 -4.88 -39.37
CA ASN A 204 29.27 -5.60 -38.31
C ASN A 204 29.33 -4.87 -37.00
N HIS A 205 30.37 -4.07 -36.86
CA HIS A 205 30.48 -3.14 -35.79
C HIS A 205 29.46 -2.00 -35.97
N SER A 206 29.16 -1.33 -34.86
CA SER A 206 28.24 -0.21 -34.80
C SER A 206 28.62 0.58 -33.60
N VAL A 207 29.07 1.80 -33.81
CA VAL A 207 29.30 2.68 -32.69
C VAL A 207 28.51 3.99 -32.86
N THR A 208 28.02 4.49 -31.73
CA THR A 208 27.21 5.72 -31.71
C THR A 208 27.62 6.53 -30.54
N PRO A 209 28.32 7.65 -30.77
CA PRO A 209 28.43 8.56 -29.66
C PRO A 209 27.20 9.39 -29.64
N TYR A 210 26.89 9.93 -28.49
CA TYR A 210 25.65 10.64 -28.38
C TYR A 210 25.66 11.47 -27.16
N THR A 211 24.66 12.33 -27.07
CA THR A 211 24.60 13.18 -25.94
C THR A 211 23.23 13.73 -25.72
N ARG A 212 22.97 14.07 -24.46
CA ARG A 212 21.73 14.67 -24.06
C ARG A 212 22.05 16.02 -23.39
N ILE A 213 21.51 17.10 -23.93
CA ILE A 213 21.67 18.42 -23.36
C ILE A 213 20.29 18.81 -22.85
N GLY A 214 20.18 19.08 -21.56
CA GLY A 214 18.93 19.52 -20.99
C GLY A 214 18.61 20.90 -21.50
N LEU A 215 17.37 21.11 -21.95
CA LEU A 215 16.87 22.45 -22.25
C LEU A 215 16.39 23.08 -20.93
N ASP A 216 15.23 22.65 -20.44
CA ASP A 216 14.77 23.01 -19.11
C ASP A 216 14.28 21.74 -18.45
N ARG A 217 14.43 21.67 -17.13
CA ARG A 217 13.98 20.56 -16.32
C ARG A 217 13.47 21.04 -14.96
N TRP A 218 12.26 20.63 -14.62
CA TRP A 218 11.79 20.70 -13.25
C TRP A 218 11.02 19.45 -12.85
N SER A 219 10.91 19.24 -11.54
CA SER A 219 10.32 18.04 -10.94
C SER A 219 9.43 18.45 -9.76
N ASN A 220 8.99 17.46 -8.97
CA ASN A 220 8.38 17.69 -7.65
C ASN A 220 9.14 16.93 -6.53
N TRP A 221 10.24 16.22 -6.84
CA TRP A 221 10.77 15.15 -5.93
C TRP A 221 12.30 15.14 -5.60
N ASP A 222 13.11 14.36 -6.34
CA ASP A 222 14.44 13.92 -5.89
C ASP A 222 15.43 15.07 -5.86
N TRP A 223 15.52 15.72 -4.69
CA TRP A 223 16.44 16.83 -4.48
C TRP A 223 16.76 17.00 -2.98
N GLN A 224 15.71 17.17 -2.16
CA GLN A 224 15.83 17.12 -0.70
C GLN A 224 14.52 16.68 -0.04
N ASP A 225 14.33 15.37 0.24
CA ASP A 225 15.21 14.25 -0.16
C ASP A 225 14.35 12.99 -0.43
N ASP A 226 14.06 12.73 -1.71
CA ASP A 226 13.17 11.63 -2.09
C ASP A 226 13.91 10.54 -2.87
N ILE A 227 13.40 9.31 -2.80
CA ILE A 227 13.99 8.14 -3.50
C ILE A 227 13.75 8.25 -5.03
N GLU A 228 14.26 7.29 -5.79
CA GLU A 228 14.49 7.45 -7.24
C GLU A 228 13.74 6.47 -8.14
N ARG A 229 12.79 7.00 -8.94
CA ARG A 229 12.44 6.41 -10.25
C ARG A 229 11.45 7.20 -11.12
N GLU A 230 11.40 6.82 -12.42
CA GLU A 230 10.74 7.54 -13.52
C GLU A 230 10.06 8.83 -13.09
N GLY A 231 10.65 9.98 -13.44
CA GLY A 231 11.76 10.09 -14.38
C GLY A 231 12.13 11.56 -14.33
N HIS A 232 13.41 11.94 -14.18
CA HIS A 232 14.65 11.12 -14.13
C HIS A 232 15.38 11.20 -15.46
N ASP A 233 16.12 12.29 -15.63
CA ASP A 233 16.79 12.59 -16.88
C ASP A 233 17.99 13.47 -16.60
N PHE A 234 19.13 13.10 -17.17
CA PHE A 234 20.37 13.82 -16.92
C PHE A 234 21.14 14.12 -18.20
N ASN A 235 21.87 15.24 -18.15
CA ASN A 235 22.86 15.56 -19.16
C ASN A 235 23.87 14.43 -19.27
N ARG A 236 24.05 13.88 -20.45
CA ARG A 236 25.02 12.81 -20.61
C ARG A 236 25.74 12.75 -21.95
N VAL A 237 26.91 12.16 -21.88
CA VAL A 237 27.63 11.81 -23.05
C VAL A 237 27.66 10.33 -22.94
N GLY A 238 27.48 9.62 -24.03
CA GLY A 238 27.67 8.18 -24.01
C GLY A 238 28.03 7.60 -25.36
N LEU A 239 28.46 6.36 -25.32
CA LEU A 239 28.88 5.64 -26.48
C LEU A 239 28.26 4.25 -26.42
N PHE A 240 27.71 3.83 -27.56
CA PHE A 240 27.09 2.52 -27.69
C PHE A 240 27.84 1.70 -28.73
N TYR A 241 28.19 0.45 -28.40
CA TYR A 241 28.82 -0.49 -29.31
C TYR A 241 27.86 -1.62 -29.60
N GLY A 242 27.97 -2.22 -30.77
CA GLY A 242 27.06 -3.28 -31.22
C GLY A 242 27.72 -4.14 -32.29
N TYR A 243 27.55 -5.47 -32.21
CA TYR A 243 28.21 -6.41 -33.13
C TYR A 243 27.26 -7.49 -33.56
N ASP A 244 27.16 -7.70 -34.87
CA ASP A 244 26.25 -8.68 -35.43
C ASP A 244 27.06 -9.74 -36.19
N PHE A 245 26.96 -10.98 -35.72
CA PHE A 245 27.65 -12.13 -36.30
C PHE A 245 26.94 -12.62 -37.56
N GLN A 246 25.63 -12.42 -37.64
CA GLN A 246 24.76 -12.92 -38.73
C GLN A 246 24.38 -14.39 -38.58
N ASN A 247 24.94 -15.02 -37.56
CA ASN A 247 24.24 -16.03 -36.76
C ASN A 247 22.75 -15.75 -36.61
N GLY A 248 22.43 -14.49 -36.32
CA GLY A 248 21.18 -14.16 -35.61
C GLY A 248 21.49 -13.67 -34.17
N LEU A 249 22.73 -13.87 -33.75
CA LEU A 249 23.28 -13.38 -32.48
C LEU A 249 23.90 -11.95 -32.53
N SER A 250 23.29 -10.97 -31.87
CA SER A 250 23.99 -9.70 -31.61
C SER A 250 24.30 -9.50 -30.14
N VAL A 251 25.37 -8.78 -29.84
CA VAL A 251 25.63 -8.27 -28.50
C VAL A 251 25.84 -6.75 -28.51
N SER A 252 25.91 -6.11 -27.33
CA SER A 252 26.07 -4.66 -27.24
C SER A 252 26.71 -4.20 -25.94
N LEU A 253 27.35 -3.04 -25.98
CA LEU A 253 27.92 -2.42 -24.83
C LEU A 253 27.57 -0.94 -24.93
N GLU A 254 27.27 -0.32 -23.80
CA GLU A 254 26.94 1.07 -23.79
C GLU A 254 27.50 1.59 -22.52
N TYR A 255 28.07 2.78 -22.57
CA TYR A 255 28.47 3.46 -21.38
C TYR A 255 28.13 4.92 -21.56
N ALA A 256 27.75 5.58 -20.47
CA ALA A 256 27.27 6.96 -20.53
C ALA A 256 27.59 7.64 -19.23
N PHE A 257 28.12 8.86 -19.28
CA PHE A 257 28.38 9.63 -18.07
C PHE A 257 27.36 10.72 -18.06
N GLU A 258 26.77 10.95 -16.90
CA GLU A 258 25.71 11.93 -16.79
C GLU A 258 26.06 12.86 -15.66
N TRP A 259 25.68 14.12 -15.78
CA TRP A 259 25.88 15.07 -14.68
C TRP A 259 24.66 15.94 -14.48
N GLN A 260 24.68 16.64 -13.34
CA GLN A 260 23.72 17.72 -13.08
C GLN A 260 24.51 18.87 -12.47
N ASP A 261 24.59 19.99 -13.20
CA ASP A 261 25.24 21.19 -12.68
C ASP A 261 24.41 21.65 -11.49
N HIS A 262 25.08 22.21 -10.49
CA HIS A 262 24.43 22.54 -9.23
C HIS A 262 24.99 23.78 -8.56
N ASP A 263 24.34 24.15 -7.47
CA ASP A 263 24.67 25.33 -6.67
C ASP A 263 24.95 24.93 -5.21
N GLU A 264 25.31 23.65 -5.00
CA GLU A 264 25.59 23.12 -3.66
C GLU A 264 26.99 23.60 -3.22
N GLY A 265 27.97 22.71 -3.23
CA GLY A 265 29.40 23.07 -3.30
C GLY A 265 29.96 22.70 -4.66
N ASP A 266 29.37 21.67 -5.29
CA ASP A 266 29.67 21.28 -6.68
C ASP A 266 28.48 20.60 -7.42
N SER A 267 28.55 19.29 -7.71
CA SER A 267 27.62 18.70 -8.70
C SER A 267 27.48 17.15 -8.72
N ASP A 268 26.25 16.69 -8.94
CA ASP A 268 25.92 15.27 -8.90
C ASP A 268 26.26 14.58 -10.24
N LYS A 269 26.97 13.46 -10.16
CA LYS A 269 27.52 12.77 -11.32
C LYS A 269 27.18 11.27 -11.34
N PHE A 270 26.73 10.77 -12.49
CA PHE A 270 26.26 9.37 -12.64
C PHE A 270 26.99 8.57 -13.71
N HIS A 271 27.08 7.26 -13.48
CA HIS A 271 27.53 6.30 -14.48
C HIS A 271 26.46 5.28 -14.86
N TYR A 272 26.36 5.02 -16.15
CA TYR A 272 25.56 3.96 -16.71
C TYR A 272 26.46 2.96 -17.46
N ALA A 273 26.29 1.65 -17.22
CA ALA A 273 26.89 0.58 -18.03
C ALA A 273 25.80 -0.38 -18.46
N GLY A 274 25.97 -1.07 -19.58
CA GLY A 274 24.87 -1.83 -20.18
C GLY A 274 25.29 -2.81 -21.28
N VAL A 275 25.34 -4.09 -20.93
CA VAL A 275 25.54 -5.16 -21.88
C VAL A 275 24.23 -5.85 -22.27
N GLY A 276 24.08 -6.20 -23.54
CA GLY A 276 22.90 -6.93 -24.00
C GLY A 276 23.34 -8.12 -24.84
N VAL A 277 22.44 -9.09 -25.02
CA VAL A 277 22.54 -10.09 -26.12
C VAL A 277 21.17 -10.26 -26.78
N ASN A 278 21.13 -10.33 -28.10
CA ASN A 278 19.89 -10.66 -28.81
C ASN A 278 20.12 -11.83 -29.80
N TYR A 279 19.11 -12.70 -29.99
CA TYR A 279 19.18 -13.73 -31.02
C TYR A 279 17.91 -13.72 -31.88
N SER A 280 18.08 -13.56 -33.18
CA SER A 280 16.95 -13.56 -34.11
C SER A 280 16.73 -14.96 -34.72
N PHE A 281 15.51 -15.18 -35.20
CA PHE A 281 15.10 -16.45 -35.79
C PHE A 281 13.61 -16.35 -36.09
N ASN B 5 -28.59 -30.30 18.21
CA ASN B 5 -29.81 -30.13 19.04
C ASN B 5 -30.81 -29.25 18.28
N ASP B 6 -31.56 -28.43 19.03
CA ASP B 6 -32.22 -27.25 18.46
C ASP B 6 -31.17 -26.26 17.95
N TRP B 7 -31.57 -25.44 16.99
CA TRP B 7 -30.73 -24.40 16.45
C TRP B 7 -31.23 -23.04 16.93
N HIS B 8 -30.29 -22.17 17.31
CA HIS B 8 -30.58 -20.78 17.70
C HIS B 8 -29.89 -19.77 16.78
N PHE B 9 -30.54 -18.66 16.50
CA PHE B 9 -29.94 -17.67 15.63
C PHE B 9 -30.18 -16.27 16.16
N ASN B 10 -29.22 -15.39 15.89
CA ASN B 10 -29.39 -13.96 16.14
C ASN B 10 -28.93 -13.19 14.97
N ILE B 11 -29.61 -12.06 14.75
CA ILE B 11 -29.12 -11.03 13.88
C ILE B 11 -29.26 -9.66 14.57
N GLY B 12 -28.38 -8.74 14.25
CA GLY B 12 -28.48 -7.45 14.88
C GLY B 12 -27.64 -6.42 14.21
N ALA B 13 -27.93 -5.19 14.57
CA ALA B 13 -27.33 -4.02 13.99
C ALA B 13 -26.90 -3.10 15.11
N MET B 14 -25.67 -2.64 15.10
CA MET B 14 -25.23 -1.67 16.11
C MET B 14 -24.65 -0.46 15.44
N TYR B 15 -24.91 0.71 16.00
CA TYR B 15 -24.36 1.95 15.49
C TYR B 15 -23.68 2.71 16.62
N GLU B 16 -22.38 2.92 16.48
CA GLU B 16 -21.61 3.54 17.56
C GLU B 16 -21.05 4.86 17.13
N ILE B 17 -20.65 5.66 18.10
CA ILE B 17 -20.07 6.97 17.82
C ILE B 17 -18.96 7.27 18.81
N GLU B 18 -17.94 7.99 18.37
CA GLU B 18 -16.80 8.28 19.25
C GLU B 18 -16.38 9.69 18.91
N ASN B 19 -16.40 10.59 19.92
CA ASN B 19 -16.03 11.99 19.75
C ASN B 19 -14.83 12.36 20.60
N VAL B 20 -14.30 13.55 20.32
CA VAL B 20 -13.24 14.14 21.11
C VAL B 20 -13.64 15.61 21.38
N GLU B 21 -13.33 16.12 22.57
CA GLU B 21 -13.55 17.55 22.89
C GLU B 21 -12.30 18.30 22.40
N GLY B 22 -12.39 19.59 22.06
CA GLY B 22 -13.53 20.47 22.36
C GLY B 22 -14.52 20.73 21.25
N TYR B 23 -14.63 22.01 20.85
CA TYR B 23 -15.82 22.52 20.14
C TYR B 23 -15.93 22.42 18.59
N GLY B 24 -14.86 22.71 17.84
CA GLY B 24 -13.56 23.10 18.36
C GLY B 24 -12.69 23.83 17.35
N GLU B 25 -12.08 23.12 16.39
CA GLU B 25 -12.31 21.70 16.10
C GLU B 25 -11.06 20.81 16.25
N ASP B 26 -11.12 19.81 17.15
CA ASP B 26 -10.35 18.57 17.01
C ASP B 26 -11.32 17.58 16.34
N MET B 27 -10.79 16.77 15.44
CA MET B 27 -11.41 16.56 14.13
C MET B 27 -11.92 15.15 13.83
N ASP B 28 -13.23 14.86 13.95
CA ASP B 28 -14.27 15.58 14.73
C ASP B 28 -15.35 14.55 15.19
N GLY B 29 -15.04 13.26 15.11
CA GLY B 29 -16.03 12.23 15.32
C GLY B 29 -15.86 11.05 14.37
N LEU B 30 -15.89 9.85 14.94
CA LEU B 30 -15.98 8.63 14.21
C LEU B 30 -17.43 8.19 14.17
N ALA B 31 -17.74 7.31 13.21
CA ALA B 31 -19.01 6.59 13.17
C ALA B 31 -18.75 5.12 12.81
N GLU B 32 -19.42 4.23 13.54
CA GLU B 32 -19.18 2.84 13.42
C GLU B 32 -20.49 2.04 13.29
N PRO B 33 -21.01 2.01 12.07
CA PRO B 33 -22.10 1.08 11.70
C PRO B 33 -21.62 -0.33 11.80
N SER B 34 -22.52 -1.28 12.02
CA SER B 34 -22.17 -2.71 11.97
C SER B 34 -23.38 -3.61 12.05
N VAL B 35 -23.25 -4.81 11.50
CA VAL B 35 -24.34 -5.79 11.48
C VAL B 35 -23.75 -7.15 11.83
N TYR B 36 -24.56 -8.06 12.36
CA TYR B 36 -24.09 -9.41 12.66
C TYR B 36 -25.18 -10.51 12.49
N PHE B 37 -24.73 -11.74 12.29
CA PHE B 37 -25.58 -12.90 12.34
C PHE B 37 -24.83 -14.00 13.07
N ASN B 38 -25.53 -14.81 13.86
CA ASN B 38 -24.89 -16.02 14.42
C ASN B 38 -25.87 -17.18 14.49
N ALA B 39 -25.30 -18.38 14.58
CA ALA B 39 -26.01 -19.61 14.82
C ALA B 39 -25.03 -20.51 15.63
N ALA B 40 -25.46 -21.30 16.63
CA ALA B 40 -26.83 -21.62 16.94
C ALA B 40 -27.13 -23.11 17.35
N ASN B 41 -26.17 -24.03 17.27
CA ASN B 41 -26.42 -25.44 17.63
C ASN B 41 -25.29 -26.06 18.39
N GLY B 42 -25.59 -26.46 19.61
CA GLY B 42 -24.87 -27.49 20.28
C GLY B 42 -23.77 -26.75 21.00
N PRO B 43 -22.60 -27.36 21.11
CA PRO B 43 -21.42 -26.56 21.46
C PRO B 43 -20.86 -25.68 20.31
N TRP B 44 -21.54 -25.60 19.17
CA TRP B 44 -21.03 -24.87 18.00
C TRP B 44 -21.73 -23.52 17.78
N ARG B 45 -20.93 -22.45 17.77
CA ARG B 45 -21.40 -21.13 17.39
C ARG B 45 -20.67 -20.67 16.15
N ILE B 46 -21.44 -20.23 15.16
CA ILE B 46 -20.93 -19.61 13.95
C ILE B 46 -21.30 -18.17 14.06
N ALA B 47 -20.39 -17.27 13.78
CA ALA B 47 -20.71 -15.86 13.80
C ALA B 47 -20.12 -15.13 12.61
N LEU B 48 -20.88 -14.21 12.01
CA LEU B 48 -20.28 -13.23 11.15
C LEU B 48 -20.77 -11.81 11.30
N ALA B 49 -19.84 -10.92 11.03
CA ALA B 49 -20.00 -9.53 11.38
C ALA B 49 -19.42 -8.66 10.26
N TYR B 50 -20.04 -7.52 10.10
CA TYR B 50 -19.50 -6.53 9.25
C TYR B 50 -19.50 -5.24 9.99
N TYR B 51 -18.35 -4.60 10.00
CA TYR B 51 -18.12 -3.39 10.77
C TYR B 51 -17.42 -2.37 9.86
N GLN B 52 -17.55 -1.11 10.19
CA GLN B 52 -16.95 -0.09 9.38
C GLN B 52 -16.77 1.13 10.23
N GLU B 53 -15.65 1.80 10.00
CA GLU B 53 -15.23 2.94 10.79
C GLU B 53 -14.70 4.07 9.94
N GLY B 54 -15.20 5.27 10.16
CA GLY B 54 -14.80 6.41 9.38
C GLY B 54 -15.29 7.66 10.07
N PRO B 55 -14.92 8.81 9.55
CA PRO B 55 -15.42 10.07 10.11
C PRO B 55 -16.92 10.22 10.02
N VAL B 56 -17.43 11.23 10.72
CA VAL B 56 -18.86 11.52 10.80
C VAL B 56 -19.37 11.99 9.43
N ASP B 57 -20.37 11.28 8.92
CA ASP B 57 -20.67 11.22 7.47
C ASP B 57 -21.13 12.53 6.80
N TYR B 58 -20.14 13.33 6.38
CA TYR B 58 -20.36 14.57 5.59
C TYR B 58 -20.07 14.31 4.11
N SER B 59 -20.32 13.07 3.69
CA SER B 59 -19.75 12.52 2.47
C SER B 59 -20.50 12.92 1.20
N ALA B 60 -19.83 13.71 0.36
CA ALA B 60 -20.15 13.86 -1.06
C ALA B 60 -19.78 12.63 -1.92
N GLY B 61 -18.64 11.97 -1.68
CA GLY B 61 -17.66 12.33 -0.61
C GLY B 61 -16.32 11.58 -0.69
N LYS B 62 -15.20 12.08 -0.12
CA LYS B 62 -14.98 13.31 0.72
C LYS B 62 -14.75 12.92 2.18
N ARG B 63 -14.15 11.75 2.36
CA ARG B 63 -14.24 11.00 3.61
C ARG B 63 -12.82 10.58 3.99
N GLY B 64 -12.29 11.05 5.13
CA GLY B 64 -10.93 10.73 5.52
C GLY B 64 -10.75 9.25 5.64
N THR B 65 -9.54 8.78 5.89
CA THR B 65 -9.29 7.34 5.99
C THR B 65 -10.43 6.64 6.75
N TRP B 66 -11.05 5.67 6.12
CA TRP B 66 -12.02 4.85 6.81
C TRP B 66 -11.56 3.43 6.63
N PHE B 67 -12.28 2.47 7.20
CA PHE B 67 -11.95 1.07 6.91
C PHE B 67 -13.13 0.17 7.22
N ASP B 68 -13.27 -0.89 6.41
CA ASP B 68 -14.32 -1.89 6.59
C ASP B 68 -13.65 -3.14 7.12
N ARG B 69 -14.44 -4.10 7.59
CA ARG B 69 -13.95 -5.19 8.41
C ARG B 69 -14.84 -6.46 8.49
N PRO B 70 -14.95 -7.24 7.41
CA PRO B 70 -15.65 -8.49 7.60
C PRO B 70 -15.12 -9.26 8.77
N GLU B 71 -15.98 -10.03 9.41
CA GLU B 71 -15.52 -10.95 10.44
C GLU B 71 -16.31 -12.24 10.35
N LEU B 72 -15.59 -13.34 10.54
CA LEU B 72 -16.17 -14.64 10.76
C LEU B 72 -15.48 -15.27 11.99
N GLU B 73 -16.26 -15.98 12.79
CA GLU B 73 -15.72 -16.76 13.90
C GLU B 73 -16.56 -17.98 14.21
N VAL B 74 -15.90 -18.95 14.77
CA VAL B 74 -16.60 -20.10 15.28
C VAL B 74 -16.14 -20.32 16.70
N HIS B 75 -17.10 -20.66 17.53
CA HIS B 75 -16.83 -20.94 18.90
C HIS B 75 -17.24 -22.38 19.22
N TYR B 76 -16.37 -23.07 19.94
CA TYR B 76 -16.65 -24.39 20.46
C TYR B 76 -16.76 -24.38 21.98
N GLN B 77 -17.93 -24.75 22.48
CA GLN B 77 -18.11 -24.87 23.92
C GLN B 77 -17.74 -26.28 24.39
N PHE B 78 -16.48 -26.47 24.79
CA PHE B 78 -16.02 -27.73 25.35
C PHE B 78 -16.96 -28.23 26.44
N LEU B 79 -16.68 -27.84 27.69
CA LEU B 79 -17.57 -28.17 28.80
C LEU B 79 -18.36 -26.95 29.29
N GLU B 80 -19.70 -27.06 29.38
CA GLU B 80 -20.52 -26.13 30.19
C GLU B 80 -21.13 -26.84 31.42
N ASN B 81 -21.03 -26.20 32.58
CA ASN B 81 -21.64 -26.67 33.82
C ASN B 81 -21.33 -25.71 34.99
N ASP B 82 -22.31 -25.51 35.86
CA ASP B 82 -22.21 -24.60 37.02
C ASP B 82 -20.84 -24.59 37.71
N ASP B 83 -20.09 -25.69 37.68
CA ASP B 83 -18.77 -25.72 38.33
C ASP B 83 -17.71 -25.03 37.50
N PHE B 84 -17.37 -25.60 36.34
CA PHE B 84 -16.26 -25.10 35.51
C PHE B 84 -16.54 -25.17 33.99
N SER B 85 -17.27 -24.18 33.45
CA SER B 85 -17.44 -23.98 31.99
C SER B 85 -16.10 -23.63 31.29
N PHE B 86 -15.89 -24.15 30.08
CA PHE B 86 -14.67 -23.88 29.29
C PHE B 86 -14.99 -23.88 27.79
N GLY B 87 -14.34 -22.98 27.05
CA GLY B 87 -14.76 -22.66 25.68
C GLY B 87 -13.64 -22.10 24.82
N LEU B 88 -13.89 -22.00 23.51
CA LEU B 88 -12.84 -21.63 22.56
C LEU B 88 -13.39 -20.96 21.31
N THR B 89 -12.61 -20.02 20.77
CA THR B 89 -12.97 -19.34 19.55
C THR B 89 -11.73 -19.16 18.70
N GLY B 90 -11.87 -19.58 17.44
CA GLY B 90 -10.98 -19.16 16.38
C GLY B 90 -11.73 -18.09 15.66
N GLY B 91 -10.99 -17.14 15.13
CA GLY B 91 -11.59 -16.01 14.44
C GLY B 91 -10.68 -15.65 13.29
N PHE B 92 -11.29 -15.10 12.25
CA PHE B 92 -10.58 -14.49 11.18
C PHE B 92 -11.22 -13.17 11.00
N ARG B 93 -10.42 -12.17 10.59
CA ARG B 93 -10.94 -10.80 10.38
C ARG B 93 -10.12 -10.08 9.34
N ASN B 94 -10.74 -9.19 8.56
CA ASN B 94 -10.00 -8.47 7.53
C ASN B 94 -10.21 -7.00 7.69
N TYR B 95 -9.12 -6.25 7.83
CA TYR B 95 -9.25 -4.80 7.80
C TYR B 95 -9.01 -4.30 6.38
N GLY B 96 -9.97 -3.55 5.88
CA GLY B 96 -9.90 -3.05 4.55
C GLY B 96 -9.77 -1.56 4.62
N TYR B 97 -8.55 -1.10 4.63
CA TYR B 97 -8.31 0.31 4.79
C TYR B 97 -8.45 1.01 3.48
N HIS B 98 -8.99 2.21 3.55
CA HIS B 98 -9.06 3.13 2.44
C HIS B 98 -8.51 4.48 2.92
N TYR B 99 -7.28 4.80 2.57
CA TYR B 99 -6.67 6.09 2.94
C TYR B 99 -7.19 7.15 2.02
N VAL B 100 -7.35 8.38 2.49
CA VAL B 100 -7.92 9.43 1.62
C VAL B 100 -7.00 10.63 1.29
N ASP B 101 -6.36 11.25 2.28
CA ASP B 101 -5.22 12.14 1.94
C ASP B 101 -3.98 11.79 2.75
N GLU B 102 -3.59 10.53 2.76
CA GLU B 102 -2.40 10.14 3.49
C GLU B 102 -1.29 9.84 2.46
N PRO B 103 -0.46 10.84 2.16
CA PRO B 103 0.55 10.59 1.16
C PRO B 103 1.26 9.26 1.39
N GLY B 104 1.62 8.59 0.30
CA GLY B 104 2.28 7.30 0.40
C GLY B 104 1.32 6.17 0.66
N LYS B 105 0.02 6.48 0.68
CA LYS B 105 -0.99 5.47 1.01
C LYS B 105 -2.22 5.51 0.09
N ASP B 106 -2.67 4.33 -0.33
CA ASP B 106 -3.90 4.21 -1.06
C ASP B 106 -4.93 3.27 -0.39
N THR B 107 -4.47 2.13 0.10
CA THR B 107 -5.39 1.03 0.40
C THR B 107 -4.62 -0.03 1.12
N ALA B 108 -5.26 -0.74 2.04
CA ALA B 108 -4.58 -1.88 2.64
C ALA B 108 -5.55 -2.99 2.99
N ASN B 109 -5.00 -4.18 3.14
CA ASN B 109 -5.73 -5.32 3.63
C ASN B 109 -4.86 -6.10 4.60
N MET B 110 -5.12 -5.91 5.88
CA MET B 110 -4.49 -6.70 6.91
C MET B 110 -5.50 -7.66 7.53
N GLN B 111 -5.07 -8.89 7.71
CA GLN B 111 -5.88 -9.92 8.34
C GLN B 111 -5.47 -10.05 9.78
N ARG B 112 -6.42 -10.47 10.60
CA ARG B 112 -6.17 -10.85 11.98
C ARG B 112 -6.64 -12.28 12.23
N TRP B 113 -5.80 -13.11 12.82
CA TRP B 113 -6.23 -14.46 13.24
C TRP B 113 -6.33 -14.48 14.77
N LYS B 114 -7.31 -15.19 15.30
CA LYS B 114 -7.66 -15.09 16.69
C LYS B 114 -7.77 -16.45 17.34
N ILE B 115 -7.14 -16.64 18.50
CA ILE B 115 -7.37 -17.87 19.28
C ILE B 115 -7.63 -17.54 20.75
N ALA B 116 -8.88 -17.68 21.14
CA ALA B 116 -9.35 -17.16 22.41
C ALA B 116 -10.01 -18.26 23.25
N PRO B 117 -9.27 -18.83 24.22
CA PRO B 117 -9.95 -19.67 25.20
C PRO B 117 -10.79 -18.81 26.10
N ASP B 118 -11.86 -19.38 26.64
CA ASP B 118 -12.63 -18.66 27.63
C ASP B 118 -13.06 -19.62 28.74
N TRP B 119 -13.46 -19.07 29.90
CA TRP B 119 -13.77 -19.88 31.10
C TRP B 119 -14.75 -19.22 32.06
N ASP B 120 -15.47 -20.06 32.80
CA ASP B 120 -16.31 -19.66 33.92
C ASP B 120 -16.21 -20.67 35.06
N VAL B 121 -15.37 -20.40 36.07
CA VAL B 121 -15.21 -21.31 37.20
C VAL B 121 -15.99 -20.82 38.42
N LYS B 122 -16.65 -21.76 39.11
CA LYS B 122 -17.34 -21.45 40.36
C LYS B 122 -16.29 -21.45 41.46
N LEU B 123 -16.43 -20.50 42.38
CA LEU B 123 -15.56 -20.40 43.55
C LEU B 123 -16.41 -20.66 44.81
N THR B 124 -17.52 -19.92 44.93
CA THR B 124 -18.56 -20.26 45.89
C THR B 124 -19.94 -20.05 45.24
N ASP B 125 -21.00 -20.08 46.05
CA ASP B 125 -22.33 -19.87 45.52
C ASP B 125 -22.57 -18.41 45.18
N ASP B 126 -21.61 -17.57 45.52
CA ASP B 126 -21.69 -16.14 45.23
C ASP B 126 -20.50 -15.55 44.42
N LEU B 127 -19.39 -16.25 44.34
CA LEU B 127 -18.22 -15.74 43.64
C LEU B 127 -17.99 -16.63 42.44
N ARG B 128 -17.69 -16.01 41.29
CA ARG B 128 -17.16 -16.73 40.13
C ARG B 128 -15.87 -16.09 39.65
N PHE B 129 -15.04 -16.89 38.99
CA PHE B 129 -13.81 -16.42 38.37
C PHE B 129 -13.97 -16.75 36.89
N ASN B 130 -14.50 -15.79 36.14
CA ASN B 130 -14.69 -15.95 34.70
C ASN B 130 -13.64 -15.17 33.92
N GLY B 131 -13.43 -15.54 32.65
CA GLY B 131 -12.57 -14.73 31.79
C GLY B 131 -12.38 -15.22 30.36
N TRP B 132 -11.75 -14.38 29.54
CA TRP B 132 -11.29 -14.78 28.22
C TRP B 132 -9.90 -14.32 27.99
N LEU B 133 -9.04 -15.20 27.51
CA LEU B 133 -7.73 -14.80 26.97
C LEU B 133 -7.82 -14.88 25.44
N SER B 134 -7.10 -14.00 24.77
CA SER B 134 -7.22 -13.86 23.32
C SER B 134 -5.87 -13.58 22.67
N MET B 135 -5.42 -14.52 21.84
CA MET B 135 -4.15 -14.42 21.11
C MET B 135 -4.41 -14.15 19.63
N TYR B 136 -3.78 -13.12 19.10
CA TYR B 136 -3.89 -12.80 17.69
C TYR B 136 -2.57 -12.84 16.91
N LYS B 137 -2.70 -13.15 15.62
CA LYS B 137 -1.69 -12.81 14.61
C LYS B 137 -2.31 -11.87 13.61
N PHE B 138 -1.61 -10.78 13.29
CA PHE B 138 -2.00 -9.90 12.19
C PHE B 138 -1.02 -10.11 11.04
N ALA B 139 -1.50 -10.03 9.80
CA ALA B 139 -0.73 -10.58 8.70
C ALA B 139 -0.22 -9.52 7.73
N ASN B 140 -0.99 -9.15 6.72
CA ASN B 140 -0.37 -8.37 5.63
C ASN B 140 -0.37 -6.87 5.87
N ASP B 141 0.33 -6.15 4.99
CA ASP B 141 0.37 -4.69 4.99
C ASP B 141 0.64 -4.03 6.34
N LEU B 142 1.50 -4.64 7.13
CA LEU B 142 1.75 -4.11 8.47
C LEU B 142 2.40 -2.75 8.39
N ASN B 143 3.52 -2.61 7.72
CA ASN B 143 4.13 -1.29 7.59
C ASN B 143 3.13 -0.20 7.26
N THR B 144 2.10 -0.50 6.48
CA THR B 144 1.22 0.56 5.93
C THR B 144 0.24 0.88 6.99
N THR B 145 -0.06 -0.13 7.75
CA THR B 145 -1.22 -0.09 8.57
C THR B 145 -0.80 0.17 10.01
N GLY B 146 0.47 -0.11 10.32
CA GLY B 146 1.06 0.22 11.60
C GLY B 146 0.91 -0.83 12.69
N TYR B 147 0.16 -1.90 12.44
CA TYR B 147 -0.11 -2.86 13.50
C TYR B 147 1.20 -3.53 13.71
N ALA B 148 1.21 -4.49 14.62
CA ALA B 148 2.37 -5.16 15.04
C ALA B 148 1.93 -6.60 14.95
N ASP B 149 2.74 -7.50 14.42
CA ASP B 149 2.20 -8.76 13.92
C ASP B 149 1.45 -9.58 14.97
N THR B 150 1.81 -9.43 16.24
CA THR B 150 1.22 -10.24 17.32
C THR B 150 0.59 -9.39 18.41
N ARG B 151 -0.34 -9.98 19.15
CA ARG B 151 -1.08 -9.23 20.15
C ARG B 151 -1.73 -10.21 21.09
N VAL B 152 -1.57 -9.96 22.39
CA VAL B 152 -2.29 -10.72 23.40
C VAL B 152 -3.32 -9.80 24.04
N GLU B 153 -4.46 -10.37 24.39
CA GLU B 153 -5.49 -9.61 25.08
C GLU B 153 -6.23 -10.49 26.06
N THR B 154 -6.57 -9.93 27.21
CA THR B 154 -7.35 -10.69 28.20
C THR B 154 -8.14 -9.80 29.11
N GLU B 155 -9.37 -10.20 29.39
CA GLU B 155 -10.10 -9.59 30.48
C GLU B 155 -10.53 -10.75 31.35
N THR B 156 -10.07 -10.74 32.59
CA THR B 156 -10.42 -11.79 33.53
C THR B 156 -10.63 -11.16 34.88
N GLY B 157 -11.40 -11.83 35.72
CA GLY B 157 -11.58 -11.36 37.09
C GLY B 157 -12.64 -12.05 37.89
N LEU B 158 -13.20 -11.32 38.87
CA LEU B 158 -14.15 -11.90 39.81
C LEU B 158 -15.58 -11.33 39.68
N GLN B 159 -16.54 -12.22 39.80
CA GLN B 159 -17.90 -11.78 39.94
C GLN B 159 -18.46 -12.26 41.26
N TYR B 160 -19.11 -11.31 41.95
CA TYR B 160 -19.82 -11.53 43.19
C TYR B 160 -21.29 -11.17 42.97
N THR B 161 -22.20 -12.09 43.34
CA THR B 161 -23.65 -11.88 43.16
C THR B 161 -24.41 -11.57 44.44
N PHE B 162 -24.83 -10.32 44.58
CA PHE B 162 -25.57 -9.91 45.77
C PHE B 162 -26.90 -10.68 45.84
N ASN B 163 -27.54 -10.79 44.70
CA ASN B 163 -28.84 -11.42 44.55
C ASN B 163 -29.26 -11.27 43.08
N GLU B 164 -30.41 -11.82 42.71
CA GLU B 164 -30.85 -11.85 41.28
C GLU B 164 -30.98 -10.44 40.60
N THR B 165 -30.98 -9.36 41.38
CA THR B 165 -31.08 -7.99 40.87
C THR B 165 -29.78 -7.23 40.79
N VAL B 166 -28.77 -7.58 41.60
CA VAL B 166 -27.50 -6.81 41.60
C VAL B 166 -26.29 -7.71 41.60
N ALA B 167 -25.29 -7.38 40.76
CA ALA B 167 -24.00 -8.10 40.76
C ALA B 167 -22.76 -7.15 40.71
N LEU B 168 -21.57 -7.65 41.07
CA LEU B 168 -20.35 -6.84 40.95
C LEU B 168 -19.28 -7.64 40.20
N ARG B 169 -18.76 -7.05 39.13
CA ARG B 169 -17.72 -7.66 38.34
C ARG B 169 -16.57 -6.70 38.52
N VAL B 170 -15.40 -7.21 38.96
CA VAL B 170 -14.16 -6.46 38.89
C VAL B 170 -13.12 -7.29 38.18
N ASN B 171 -12.55 -6.68 37.15
CA ASN B 171 -11.68 -7.38 36.24
C ASN B 171 -10.39 -6.67 36.02
N TYR B 172 -9.39 -7.48 35.76
CA TYR B 172 -8.14 -7.06 35.19
C TYR B 172 -8.19 -7.16 33.65
N TYR B 173 -7.95 -6.03 32.99
CA TYR B 173 -7.85 -5.99 31.55
C TYR B 173 -6.43 -5.74 31.11
N LEU B 174 -5.91 -6.59 30.22
CA LEU B 174 -4.55 -6.44 29.63
C LEU B 174 -4.52 -6.58 28.09
N GLU B 175 -3.82 -5.64 27.43
CA GLU B 175 -3.67 -5.65 25.96
C GLU B 175 -2.24 -5.35 25.44
N ARG B 176 -1.48 -6.39 25.07
CA ARG B 176 -0.10 -6.20 24.53
C ARG B 176 0.00 -6.43 23.02
N GLY B 177 0.27 -5.37 22.28
CA GLY B 177 0.75 -5.51 20.90
C GLY B 177 2.28 -5.56 20.83
N PHE B 178 2.82 -6.58 20.17
CA PHE B 178 4.26 -6.70 19.97
C PHE B 178 4.61 -7.49 18.70
N ASN B 179 5.80 -7.24 18.19
CA ASN B 179 6.25 -7.86 16.96
C ASN B 179 7.09 -9.10 17.23
N MET B 180 6.74 -10.20 16.59
CA MET B 180 7.53 -11.44 16.64
C MET B 180 8.76 -11.27 15.77
N ASP B 181 8.66 -10.33 14.83
CA ASP B 181 9.67 -10.17 13.80
C ASP B 181 10.70 -9.10 14.14
N ASP B 182 11.78 -9.52 14.78
CA ASP B 182 13.03 -8.77 14.75
C ASP B 182 13.43 -8.67 13.26
N SER B 183 13.47 -7.48 12.67
CA SER B 183 12.99 -6.26 13.30
C SER B 183 11.94 -5.55 12.43
N ARG B 184 10.70 -5.64 12.91
CA ARG B 184 9.75 -4.56 12.73
C ARG B 184 9.48 -4.07 14.15
N ASN B 185 8.75 -2.96 14.26
CA ASN B 185 8.83 -2.10 15.43
C ASN B 185 7.60 -1.22 15.61
N ASN B 186 6.55 -1.49 14.84
CA ASN B 186 5.59 -0.47 14.52
C ASN B 186 4.64 -0.09 15.63
N GLY B 187 3.75 -1.01 15.95
CA GLY B 187 2.60 -0.67 16.75
C GLY B 187 2.68 -1.42 18.05
N GLU B 188 3.85 -1.34 18.68
CA GLU B 188 4.09 -1.98 19.96
C GLU B 188 3.48 -1.09 21.02
N PHE B 189 2.83 -1.72 22.00
CA PHE B 189 2.06 -1.00 23.03
C PHE B 189 1.61 -1.98 24.11
N SER B 190 1.26 -1.42 25.26
CA SER B 190 0.72 -2.17 26.38
C SER B 190 -0.26 -1.33 27.16
N THR B 191 -1.39 -1.93 27.52
CA THR B 191 -2.45 -1.29 28.28
C THR B 191 -2.76 -2.21 29.43
N GLN B 192 -3.01 -1.63 30.59
CA GLN B 192 -3.51 -2.38 31.71
C GLN B 192 -4.55 -1.56 32.38
N GLU B 193 -5.66 -2.20 32.74
CA GLU B 193 -6.72 -1.48 33.40
C GLU B 193 -7.34 -2.38 34.41
N ILE B 194 -7.99 -1.76 35.38
CA ILE B 194 -8.90 -2.47 36.20
C ILE B 194 -10.27 -2.09 35.61
N ARG B 195 -11.15 -3.07 35.43
CA ARG B 195 -12.52 -2.71 35.01
C ARG B 195 -13.54 -3.23 36.01
N ALA B 196 -14.50 -2.37 36.35
CA ALA B 196 -15.49 -2.68 37.37
C ALA B 196 -16.91 -2.35 36.86
N TYR B 197 -17.82 -3.29 37.11
CA TYR B 197 -19.19 -3.14 36.63
C TYR B 197 -20.13 -3.58 37.71
N LEU B 198 -21.26 -2.90 37.76
CA LEU B 198 -22.35 -3.29 38.62
C LEU B 198 -23.60 -3.57 37.74
N PRO B 199 -23.66 -4.76 37.15
CA PRO B 199 -24.82 -5.19 36.37
C PRO B 199 -26.10 -5.22 37.16
N LEU B 200 -26.99 -4.23 36.96
CA LEU B 200 -28.35 -4.25 37.52
C LEU B 200 -29.28 -4.89 36.51
N THR B 201 -30.17 -5.72 37.02
CA THR B 201 -30.94 -6.68 36.24
C THR B 201 -32.39 -6.67 36.76
N LEU B 202 -33.20 -5.75 36.26
CA LEU B 202 -34.51 -5.40 36.82
C LEU B 202 -35.68 -5.85 35.94
N GLY B 203 -35.92 -7.14 35.90
CA GLY B 203 -36.95 -7.69 35.01
C GLY B 203 -36.51 -7.70 33.55
N ASN B 204 -36.91 -6.68 32.79
CA ASN B 204 -36.56 -6.60 31.37
C ASN B 204 -35.55 -5.51 31.10
N HIS B 205 -35.54 -4.53 31.98
CA HIS B 205 -34.49 -3.54 32.00
C HIS B 205 -33.17 -4.17 32.48
N SER B 206 -32.07 -3.52 32.14
CA SER B 206 -30.71 -3.92 32.50
C SER B 206 -29.88 -2.69 32.44
N VAL B 207 -29.37 -2.27 33.58
CA VAL B 207 -28.40 -1.20 33.59
C VAL B 207 -27.08 -1.64 34.25
N THR B 208 -26.00 -1.10 33.73
CA THR B 208 -24.65 -1.40 34.22
C THR B 208 -23.85 -0.17 34.20
N PRO B 209 -23.56 0.40 35.39
CA PRO B 209 -22.54 1.41 35.36
C PRO B 209 -21.23 0.68 35.37
N TYR B 210 -20.21 1.34 34.90
CA TYR B 210 -18.95 0.68 34.82
C TYR B 210 -17.89 1.67 34.63
N THR B 211 -16.66 1.18 34.79
CA THR B 211 -15.55 2.07 34.67
C THR B 211 -14.25 1.36 34.36
N ARG B 212 -13.35 2.12 33.74
CA ARG B 212 -12.05 1.63 33.40
C ARG B 212 -11.01 2.57 34.01
N ILE B 213 -10.16 2.01 34.88
CA ILE B 213 -9.08 2.75 35.48
C ILE B 213 -7.82 2.16 34.85
N GLY B 214 -7.03 3.02 34.20
CA GLY B 214 -5.75 2.65 33.65
C GLY B 214 -4.76 2.38 34.75
N LEU B 215 -4.13 1.21 34.73
CA LEU B 215 -3.01 0.89 35.62
C LEU B 215 -1.77 1.56 35.04
N ASP B 216 -1.20 0.98 33.98
CA ASP B 216 -0.12 1.62 33.21
C ASP B 216 -0.43 1.50 31.71
N ARG B 217 -0.02 2.54 30.96
CA ARG B 217 -0.21 2.61 29.50
C ARG B 217 0.98 3.23 28.75
N TRP B 218 1.52 2.49 27.78
CA TRP B 218 2.35 3.13 26.73
C TRP B 218 2.08 2.59 25.33
N SER B 219 2.47 3.41 24.34
CA SER B 219 2.40 3.03 22.92
C SER B 219 3.54 3.67 22.11
N ASN B 220 3.72 3.22 20.86
CA ASN B 220 4.68 3.80 19.90
C ASN B 220 4.14 4.97 19.02
N TRP B 221 2.99 5.59 19.36
CA TRP B 221 2.24 6.44 18.39
C TRP B 221 1.08 7.33 18.95
N ASP B 222 0.49 8.16 18.08
CA ASP B 222 -0.62 9.10 18.41
C ASP B 222 -0.34 10.00 19.61
N TRP B 223 0.85 10.62 19.60
CA TRP B 223 1.34 11.49 20.69
C TRP B 223 2.90 11.50 20.65
N GLN B 224 3.52 12.43 19.89
CA GLN B 224 2.83 13.48 19.12
C GLN B 224 2.98 13.31 17.60
N ASP B 225 1.90 12.81 16.98
CA ASP B 225 1.55 12.97 15.54
C ASP B 225 0.48 11.92 15.16
N ASP B 226 -0.58 12.38 14.51
CA ASP B 226 -1.89 11.70 14.49
C ASP B 226 -2.06 10.40 13.65
N ILE B 227 -2.48 9.34 14.33
CA ILE B 227 -3.25 8.23 13.71
C ILE B 227 -4.38 7.94 14.72
N GLU B 228 -5.36 7.12 14.37
CA GLU B 228 -6.51 6.90 15.26
C GLU B 228 -6.99 5.43 15.41
N ARG B 229 -6.25 4.47 14.85
CA ARG B 229 -6.48 3.04 15.14
C ARG B 229 -5.13 2.30 15.09
N GLU B 230 -4.88 1.29 15.93
CA GLU B 230 -5.74 0.81 17.03
C GLU B 230 -4.87 0.21 18.13
N GLY B 231 -4.87 0.84 19.31
CA GLY B 231 -4.46 0.17 20.54
C GLY B 231 -4.12 0.96 21.78
N HIS B 232 -4.95 1.87 22.30
CA HIS B 232 -6.15 2.49 21.68
C HIS B 232 -6.95 3.23 22.76
N ASP B 233 -7.37 2.50 23.79
CA ASP B 233 -8.49 2.95 24.64
C ASP B 233 -8.10 3.66 25.97
N PHE B 234 -9.12 4.22 26.63
CA PHE B 234 -8.97 5.33 27.57
C PHE B 234 -9.59 5.03 28.96
N ASN B 235 -9.33 5.90 29.94
CA ASN B 235 -10.06 5.89 31.23
C ASN B 235 -11.51 6.26 31.00
N ARG B 236 -12.46 5.54 31.57
CA ARG B 236 -13.85 5.91 31.36
C ARG B 236 -14.85 5.51 32.42
N VAL B 237 -15.92 6.28 32.44
CA VAL B 237 -17.07 5.94 33.19
C VAL B 237 -18.08 5.74 32.10
N GLY B 238 -18.94 4.75 32.26
CA GLY B 238 -20.07 4.64 31.36
C GLY B 238 -21.24 3.88 31.93
N LEU B 239 -22.35 3.97 31.23
CA LEU B 239 -23.56 3.32 31.61
C LEU B 239 -24.17 2.66 30.39
N PHE B 240 -24.63 1.43 30.58
CA PHE B 240 -25.24 0.65 29.53
C PHE B 240 -26.65 0.31 29.92
N TYR B 241 -27.60 0.55 29.01
CA TYR B 241 -29.02 0.20 29.18
C TYR B 241 -29.38 -0.89 28.20
N GLY B 242 -30.38 -1.70 28.54
CA GLY B 242 -30.76 -2.87 27.73
C GLY B 242 -32.17 -3.35 28.09
N TYR B 243 -32.99 -3.59 27.07
CA TYR B 243 -34.42 -3.93 27.25
C TYR B 243 -34.82 -5.10 26.38
N ASP B 244 -35.41 -6.12 26.98
CA ASP B 244 -35.80 -7.33 26.28
C ASP B 244 -37.31 -7.50 26.35
N PHE B 245 -37.96 -7.47 25.19
CA PHE B 245 -39.41 -7.59 25.06
C PHE B 245 -39.84 -9.04 25.23
N GLN B 246 -38.98 -9.99 24.87
CA GLN B 246 -39.28 -11.44 24.83
C GLN B 246 -40.06 -11.88 23.59
N ASN B 247 -40.40 -10.90 22.76
CA ASN B 247 -40.40 -11.04 21.31
C ASN B 247 -39.25 -11.94 20.80
N GLY B 248 -38.06 -11.71 21.35
CA GLY B 248 -36.80 -12.05 20.66
C GLY B 248 -36.06 -10.76 20.28
N LEU B 249 -36.76 -9.64 20.38
CA LEU B 249 -36.24 -8.31 20.13
C LEU B 249 -35.60 -7.61 21.37
N SER B 250 -34.29 -7.39 21.37
CA SER B 250 -33.69 -6.48 22.35
C SER B 250 -33.13 -5.22 21.73
N VAL B 251 -33.12 -4.15 22.50
CA VAL B 251 -32.38 -2.94 22.13
C VAL B 251 -31.43 -2.50 23.26
N SER B 252 -30.52 -1.55 22.98
CA SER B 252 -29.52 -1.09 23.97
C SER B 252 -29.03 0.31 23.72
N LEU B 253 -28.60 0.97 24.80
CA LEU B 253 -28.03 2.30 24.76
C LEU B 253 -26.83 2.25 25.69
N GLU B 254 -25.77 2.93 25.30
CA GLU B 254 -24.58 2.92 26.10
C GLU B 254 -24.02 4.29 25.90
N TYR B 255 -23.52 4.88 26.98
CA TYR B 255 -22.79 6.12 26.86
C TYR B 255 -21.63 6.05 27.84
N ALA B 256 -20.51 6.64 27.47
CA ALA B 256 -19.29 6.49 28.26
C ALA B 256 -18.46 7.72 28.07
N PHE B 257 -17.96 8.32 29.15
CA PHE B 257 -17.05 9.46 29.02
C PHE B 257 -15.67 8.94 29.33
N GLU B 258 -14.70 9.37 28.55
CA GLU B 258 -13.36 8.89 28.71
C GLU B 258 -12.43 10.08 28.77
N TRP B 259 -11.35 9.95 29.53
CA TRP B 259 -10.35 11.02 29.60
C TRP B 259 -8.94 10.48 29.56
N GLN B 260 -8.00 11.40 29.41
CA GLN B 260 -6.59 11.09 29.58
C GLN B 260 -5.87 12.22 30.31
N ASP B 261 -5.17 11.84 31.38
CA ASP B 261 -4.32 12.75 32.13
C ASP B 261 -3.24 13.35 31.23
N HIS B 262 -2.98 14.64 31.39
CA HIS B 262 -1.92 15.31 30.65
C HIS B 262 -1.34 16.47 31.45
N ASP B 263 -0.12 16.84 31.05
CA ASP B 263 0.70 17.82 31.76
C ASP B 263 0.92 19.14 30.97
N GLU B 264 0.86 19.06 29.64
CA GLU B 264 1.26 20.19 28.73
C GLU B 264 0.28 21.39 28.58
N GLY B 265 -0.78 21.44 29.37
CA GLY B 265 -1.76 22.53 29.30
C GLY B 265 -3.08 22.12 29.93
N ASP B 266 -3.59 20.96 29.50
CA ASP B 266 -4.69 20.24 30.15
C ASP B 266 -4.97 18.90 29.39
N SER B 267 -6.20 18.39 29.46
CA SER B 267 -6.46 16.97 29.21
C SER B 267 -7.41 16.64 28.04
N ASP B 268 -7.12 15.51 27.39
CA ASP B 268 -7.91 15.03 26.26
C ASP B 268 -9.12 14.22 26.73
N LYS B 269 -10.30 14.58 26.20
CA LYS B 269 -11.57 14.05 26.68
C LYS B 269 -12.42 13.52 25.53
N PHE B 270 -13.00 12.33 25.70
CA PHE B 270 -13.78 11.63 24.65
C PHE B 270 -15.20 11.28 25.05
N HIS B 271 -16.08 11.25 24.06
CA HIS B 271 -17.42 10.69 24.20
C HIS B 271 -17.70 9.49 23.29
N TYR B 272 -18.34 8.48 23.87
CA TYR B 272 -18.84 7.32 23.16
C TYR B 272 -20.36 7.28 23.33
N ALA B 273 -21.09 7.05 22.22
CA ALA B 273 -22.55 6.74 22.26
C ALA B 273 -22.80 5.50 21.39
N GLY B 274 -23.80 4.70 21.72
CA GLY B 274 -23.98 3.40 21.11
C GLY B 274 -25.37 2.79 21.27
N VAL B 275 -26.15 2.82 20.18
CA VAL B 275 -27.40 2.09 20.11
C VAL B 275 -27.28 0.75 19.38
N GLY B 276 -27.94 -0.28 19.88
CA GLY B 276 -27.97 -1.59 19.20
C GLY B 276 -29.42 -2.07 19.06
N VAL B 277 -29.66 -3.04 18.17
CA VAL B 277 -30.88 -3.87 18.18
C VAL B 277 -30.46 -5.31 17.94
N ASN B 278 -31.04 -6.25 18.66
CA ASN B 278 -30.84 -7.69 18.36
C ASN B 278 -32.18 -8.44 18.25
N TYR B 279 -32.28 -9.44 17.37
CA TYR B 279 -33.48 -10.28 17.34
C TYR B 279 -33.09 -11.75 17.36
N SER B 280 -33.63 -12.50 18.31
CA SER B 280 -33.35 -13.94 18.42
C SER B 280 -34.47 -14.78 17.81
N PHE B 281 -34.12 -16.01 17.43
CA PHE B 281 -35.01 -16.93 16.74
C PHE B 281 -34.19 -18.18 16.41
#